data_5EZB
#
_entry.id   5EZB
#
_cell.length_a   81.551
_cell.length_b   56.919
_cell.length_c   101.140
_cell.angle_alpha   90.000
_cell.angle_beta   96.190
_cell.angle_gamma   90.000
#
_symmetry.space_group_name_H-M   'I 1 2 1'
#
loop_
_entity.id
_entity.type
_entity.pdbx_description
1 polymer 'Chicken prestin STAS domain,Chicken prestin STAS domain'
2 non-polymer 'ZINC ION'
3 non-polymer GLYCEROL
4 non-polymer 'SODIUM ION'
5 non-polymer 'OXALATE ION'
6 water water
#
_entity_poly.entity_id   1
_entity_poly.type   'polypeptide(L)'
_entity_poly.pdbx_seq_one_letter_code
;RPQYRILGQIPDTDIYCDVEEYEEVKEYPGIKIFQANTSLYFANSESYTSALKKKTGVDGSTNVHSLILDFAPVNFVDSV
GAKTLKSVIKEYNEVGVCVCIASCSGPVMNELTRLNFFDNTVTRELLFHSIHDAVLACQGKDR
;
_entity_poly.pdbx_strand_id   A,B
#
# COMPACT_ATOMS: atom_id res chain seq x y z
N GLN A 3 6.13 -5.98 -2.31
CA GLN A 3 7.24 -6.31 -1.43
C GLN A 3 8.13 -5.08 -1.24
N TYR A 4 8.53 -4.43 -2.33
CA TYR A 4 9.39 -3.24 -2.21
C TYR A 4 8.79 -2.03 -2.92
N ARG A 5 8.84 -0.91 -2.24
CA ARG A 5 8.25 0.32 -2.73
C ARG A 5 9.05 1.58 -2.49
N ILE A 6 8.89 2.56 -3.38
CA ILE A 6 9.41 3.92 -3.19
C ILE A 6 8.28 4.82 -2.77
N LEU A 7 8.52 5.62 -1.75
CA LEU A 7 7.47 6.45 -1.16
C LEU A 7 7.59 7.92 -1.56
N GLY A 8 6.45 8.60 -1.59
CA GLY A 8 6.35 10.01 -1.89
C GLY A 8 5.37 10.66 -0.94
N GLN A 9 5.49 11.99 -0.77
CA GLN A 9 4.70 12.73 0.21
C GLN A 9 3.35 13.20 -0.33
N ILE A 10 2.29 12.92 0.42
CA ILE A 10 1.00 13.55 0.13
C ILE A 10 1.13 15.03 0.51
N PRO A 11 0.84 15.93 -0.45
CA PRO A 11 1.05 17.36 -0.18
C PRO A 11 0.34 17.83 1.07
N ASP A 12 1.05 18.62 1.85
CA ASP A 12 0.51 19.25 3.05
C ASP A 12 0.22 18.18 4.10
N THR A 13 0.98 17.08 4.07
CA THR A 13 0.86 16.09 5.14
C THR A 13 2.20 15.47 5.51
N ASP A 14 2.10 14.62 6.51
CA ASP A 14 3.18 13.85 7.06
C ASP A 14 2.97 12.38 6.63
N ILE A 15 2.19 12.17 5.55
CA ILE A 15 1.85 10.82 5.10
C ILE A 15 2.58 10.47 3.79
N TYR A 16 3.19 9.29 3.80
CA TYR A 16 3.96 8.84 2.64
C TYR A 16 3.32 7.56 2.12
N CYS A 17 3.12 7.54 0.80
CA CYS A 17 2.45 6.47 0.07
C CYS A 17 3.26 6.06 -1.16
N ASP A 18 2.92 4.87 -1.68
CA ASP A 18 3.59 4.33 -2.86
C ASP A 18 3.46 5.26 -4.06
N VAL A 19 4.59 5.60 -4.70
CA VAL A 19 4.55 6.54 -5.80
C VAL A 19 3.88 5.95 -7.04
N GLU A 20 3.90 4.62 -7.15
CA GLU A 20 3.36 3.95 -8.31
C GLU A 20 1.92 3.54 -8.14
N GLU A 21 1.32 3.99 -7.05
CA GLU A 21 -0.09 3.70 -6.77
C GLU A 21 -0.87 4.97 -6.45
N TYR A 22 -0.17 6.08 -6.29
CA TYR A 22 -0.81 7.35 -5.95
C TYR A 22 -0.10 8.47 -6.70
N GLU A 23 -0.74 9.02 -7.73
CA GLU A 23 -0.09 10.03 -8.58
C GLU A 23 0.13 11.33 -7.85
N GLU A 24 -0.68 11.55 -6.82
CA GLU A 24 -0.74 12.81 -6.11
C GLU A 24 0.50 13.05 -5.25
N VAL A 25 1.20 11.98 -4.89
CA VAL A 25 2.37 12.12 -4.01
C VAL A 25 3.57 12.58 -4.83
N LYS A 26 4.45 13.33 -4.18
CA LYS A 26 5.64 13.79 -4.84
C LYS A 26 6.86 13.50 -3.99
N GLU A 27 7.88 13.04 -4.68
CA GLU A 27 9.15 12.76 -4.05
C GLU A 27 9.91 14.07 -3.89
N TYR A 28 11.03 13.98 -3.20
CA TYR A 28 11.87 15.11 -3.01
C TYR A 28 13.05 14.94 -3.96
N PRO A 29 13.45 16.02 -4.65
CA PRO A 29 14.61 15.88 -5.56
C PRO A 29 15.90 15.45 -4.85
N GLY A 30 16.56 14.42 -5.36
CA GLY A 30 17.84 13.98 -4.79
C GLY A 30 17.72 13.05 -3.59
N ILE A 31 16.48 12.67 -3.30
CA ILE A 31 16.15 11.83 -2.15
C ILE A 31 15.25 10.72 -2.57
N LYS A 32 15.65 9.51 -2.24
CA LYS A 32 14.81 8.33 -2.50
C LYS A 32 14.40 7.70 -1.17
N ILE A 33 13.10 7.43 -1.04
CA ILE A 33 12.59 6.84 0.18
C ILE A 33 12.13 5.43 -0.10
N PHE A 34 12.83 4.45 0.47
CA PHE A 34 12.65 3.02 0.16
C PHE A 34 12.00 2.27 1.30
N GLN A 35 10.98 1.49 1.00
CA GLN A 35 10.29 0.77 2.09
C GLN A 35 10.24 -0.73 1.83
N ALA A 36 10.54 -1.52 2.86
CA ALA A 36 10.37 -2.98 2.79
C ALA A 36 9.37 -3.46 3.85
N ASN A 37 9.44 -4.71 4.24
CA ASN A 37 8.49 -5.34 5.15
C ASN A 37 8.99 -5.85 6.50
N THR A 38 8.18 -6.72 7.11
CA THR A 38 8.29 -7.04 8.55
C THR A 38 9.72 -7.29 9.02
N SER A 39 10.57 -7.80 8.14
CA SER A 39 11.88 -8.22 8.61
C SER A 39 12.99 -7.97 7.62
N LEU A 40 14.16 -7.86 8.19
CA LEU A 40 15.38 -7.89 7.46
C LEU A 40 16.25 -8.90 8.15
N TYR A 41 16.23 -10.11 7.59
CA TYR A 41 16.97 -11.22 8.19
C TYR A 41 17.50 -12.05 7.03
N PHE A 42 18.13 -13.20 7.35
CA PHE A 42 18.97 -13.97 6.42
C PHE A 42 18.27 -14.39 5.15
N ALA A 43 16.97 -14.55 5.21
CA ALA A 43 16.20 -15.10 4.10
C ALA A 43 15.96 -14.03 3.02
N ASN A 44 15.92 -12.77 3.42
CA ASN A 44 15.52 -11.72 2.50
C ASN A 44 16.45 -10.53 2.45
N SER A 45 17.66 -10.70 2.99
CA SER A 45 18.61 -9.59 3.00
C SER A 45 19.17 -9.41 1.58
N GLU A 46 19.26 -10.50 0.83
CA GLU A 46 19.70 -10.39 -0.58
C GLU A 46 18.67 -9.70 -1.48
N SER A 47 17.41 -10.03 -1.30
CA SER A 47 16.34 -9.35 -2.02
C SER A 47 16.33 -7.87 -1.68
N TYR A 48 16.49 -7.57 -0.41
CA TYR A 48 16.47 -6.19 0.05
C TYR A 48 17.54 -5.35 -0.66
N THR A 49 18.79 -5.80 -0.63
CA THR A 49 19.84 -4.98 -1.22
C THR A 49 19.61 -4.83 -2.73
N SER A 50 19.23 -5.93 -3.37
CA SER A 50 18.96 -5.91 -4.80
C SER A 50 17.85 -4.91 -5.14
N ALA A 51 16.73 -5.04 -4.43
CA ALA A 51 15.57 -4.19 -4.67
C ALA A 51 15.89 -2.76 -4.33
N LEU A 52 16.73 -2.54 -3.32
CA LEU A 52 17.14 -1.19 -2.96
C LEU A 52 17.92 -0.49 -4.09
N LYS A 53 18.80 -1.24 -4.76
CA LYS A 53 19.61 -0.70 -5.84
C LYS A 53 18.75 -0.42 -7.06
N LYS A 54 17.91 -1.38 -7.38
CA LYS A 54 17.06 -1.28 -8.56
C LYS A 54 15.96 -0.22 -8.42
N LYS A 55 15.15 -0.29 -7.36
CA LYS A 55 13.92 0.54 -7.24
C LYS A 55 14.26 2.03 -7.12
N THR A 56 15.47 2.31 -6.65
CA THR A 56 15.89 3.68 -6.37
C THR A 56 16.57 4.30 -7.55
N GLY A 57 17.14 3.44 -8.37
CA GLY A 57 17.76 3.88 -9.60
C GLY A 57 19.07 4.60 -9.36
N VAL A 58 19.67 4.41 -8.18
CA VAL A 58 20.96 5.01 -8.00
C VAL A 58 22.01 4.18 -8.75
N ASP A 59 21.91 4.24 -10.07
CA ASP A 59 22.77 3.48 -10.95
C ASP A 59 24.06 4.27 -11.15
N GLY A 60 24.37 5.15 -10.17
CA GLY A 60 25.35 6.21 -10.33
C GLY A 60 25.07 7.01 -11.58
N SER A 61 23.78 7.13 -11.88
CA SER A 61 23.32 7.71 -13.13
C SER A 61 22.31 8.80 -12.86
N THR A 62 22.07 9.09 -11.57
CA THR A 62 21.16 10.16 -11.22
C THR A 62 21.74 10.91 -10.06
N ASN A 63 21.24 12.12 -9.82
CA ASN A 63 21.74 12.92 -8.72
C ASN A 63 20.95 12.65 -7.42
N VAL A 64 20.96 11.39 -7.02
CA VAL A 64 20.42 11.00 -5.73
C VAL A 64 21.57 11.10 -4.77
N HIS A 65 21.42 11.95 -3.76
CA HIS A 65 22.47 12.12 -2.75
C HIS A 65 22.06 11.47 -1.38
N SER A 66 20.81 11.07 -1.26
CA SER A 66 20.30 10.55 0.01
C SER A 66 19.30 9.44 -0.12
N LEU A 67 19.49 8.38 0.65
CA LEU A 67 18.47 7.33 0.79
C LEU A 67 17.86 7.32 2.18
N ILE A 68 16.54 7.30 2.27
CA ILE A 68 15.87 7.14 3.55
C ILE A 68 15.20 5.78 3.57
N LEU A 69 15.58 4.98 4.56
CA LEU A 69 15.03 3.64 4.75
C LEU A 69 13.88 3.70 5.76
N ASP A 70 12.68 3.32 5.34
CA ASP A 70 11.53 3.28 6.23
C ASP A 70 11.44 1.98 6.98
N PHE A 71 11.84 2.03 8.27
CA PHE A 71 11.87 0.86 9.16
C PHE A 71 10.61 0.79 10.05
N ALA A 72 9.62 1.60 9.76
CA ALA A 72 8.37 1.56 10.51
C ALA A 72 7.77 0.15 10.51
N PRO A 73 7.82 -0.55 9.36
CA PRO A 73 7.30 -1.91 9.26
C PRO A 73 8.20 -3.00 9.90
N VAL A 74 9.45 -2.68 10.13
CA VAL A 74 10.39 -3.68 10.56
C VAL A 74 10.16 -4.04 12.05
N ASN A 75 9.88 -5.33 12.30
CA ASN A 75 9.67 -5.90 13.64
C ASN A 75 10.86 -6.69 14.09
N PHE A 76 11.67 -7.13 13.13
CA PHE A 76 12.72 -8.12 13.41
C PHE A 76 13.97 -7.97 12.53
N VAL A 77 15.13 -8.02 13.15
CA VAL A 77 16.40 -8.03 12.47
C VAL A 77 17.27 -9.12 13.10
N ASP A 78 18.10 -9.80 12.30
CA ASP A 78 19.04 -10.81 12.82
C ASP A 78 20.44 -10.46 12.34
N SER A 79 21.40 -11.35 12.61
CA SER A 79 22.81 -11.06 12.43
C SER A 79 23.14 -10.74 10.97
N VAL A 80 22.56 -11.53 10.07
CA VAL A 80 22.79 -11.34 8.65
C VAL A 80 22.15 -10.06 8.18
N GLY A 81 20.91 -9.83 8.62
CA GLY A 81 20.19 -8.60 8.29
C GLY A 81 20.98 -7.37 8.68
N ALA A 82 21.50 -7.38 9.91
CA ALA A 82 22.32 -6.29 10.44
C ALA A 82 23.61 -6.10 9.63
N LYS A 83 24.27 -7.20 9.31
CA LYS A 83 25.46 -7.18 8.46
C LYS A 83 25.17 -6.48 7.13
N THR A 84 24.10 -6.93 6.50
CA THR A 84 23.72 -6.45 5.21
C THR A 84 23.42 -4.98 5.25
N LEU A 85 22.59 -4.57 6.20
CA LEU A 85 22.25 -3.15 6.35
C LEU A 85 23.51 -2.27 6.55
N LYS A 86 24.45 -2.77 7.35
CA LYS A 86 25.67 -2.02 7.61
C LYS A 86 26.46 -1.83 6.32
N SER A 87 26.55 -2.89 5.52
CA SER A 87 27.26 -2.82 4.22
C SER A 87 26.56 -1.86 3.27
N VAL A 88 25.23 -1.91 3.26
CA VAL A 88 24.45 -1.01 2.44
C VAL A 88 24.86 0.41 2.73
N ILE A 89 24.96 0.72 4.01
CA ILE A 89 25.25 2.09 4.43
C ILE A 89 26.67 2.49 4.02
N LYS A 90 27.64 1.63 4.33
CA LYS A 90 29.01 2.01 4.06
C LYS A 90 29.29 2.08 2.54
N GLU A 91 28.69 1.19 1.78
CA GLU A 91 28.91 1.16 0.34
C GLU A 91 28.23 2.36 -0.31
N TYR A 92 27.01 2.71 0.10
CA TYR A 92 26.41 3.89 -0.49
C TYR A 92 27.18 5.16 -0.10
N ASN A 93 27.67 5.20 1.14
CA ASN A 93 28.51 6.30 1.62
C ASN A 93 29.74 6.51 0.71
N GLU A 94 30.40 5.41 0.36
CA GLU A 94 31.59 5.45 -0.49
C GLU A 94 31.34 6.13 -1.85
N VAL A 95 30.12 5.99 -2.39
CA VAL A 95 29.77 6.61 -3.66
C VAL A 95 28.94 7.91 -3.50
N GLY A 96 28.98 8.50 -2.32
CA GLY A 96 28.43 9.84 -2.12
C GLY A 96 26.98 9.89 -1.67
N VAL A 97 26.45 8.77 -1.20
CA VAL A 97 25.05 8.73 -0.83
C VAL A 97 24.88 8.55 0.66
N CYS A 98 24.20 9.52 1.28
CA CYS A 98 23.85 9.45 2.71
C CYS A 98 22.68 8.46 2.90
N VAL A 99 22.82 7.58 3.87
CA VAL A 99 21.77 6.61 4.19
C VAL A 99 21.30 6.88 5.60
N CYS A 100 20.05 7.26 5.73
CA CYS A 100 19.47 7.50 7.04
C CYS A 100 18.27 6.60 7.23
N ILE A 101 17.94 6.31 8.50
CA ILE A 101 16.84 5.43 8.84
C ILE A 101 15.71 6.11 9.64
N ALA A 102 14.50 5.90 9.17
CA ALA A 102 13.29 6.43 9.79
C ALA A 102 12.50 5.35 10.55
N SER A 103 12.09 5.72 11.74
CA SER A 103 11.12 4.95 12.50
C SER A 103 11.59 3.56 12.84
N CYS A 104 12.85 3.44 13.25
CA CYS A 104 13.38 2.20 13.77
C CYS A 104 12.92 2.03 15.24
N SER A 105 12.06 1.07 15.50
CA SER A 105 11.55 0.80 16.85
C SER A 105 12.64 0.46 17.85
N GLY A 106 12.32 0.69 19.12
CA GLY A 106 13.23 0.40 20.21
C GLY A 106 13.73 -1.04 20.25
N PRO A 107 12.82 -2.02 20.09
CA PRO A 107 13.29 -3.43 20.08
C PRO A 107 14.29 -3.70 18.94
N VAL A 108 14.02 -3.19 17.73
CA VAL A 108 14.96 -3.38 16.61
C VAL A 108 16.29 -2.69 16.90
N MET A 109 16.23 -1.46 17.41
CA MET A 109 17.44 -0.75 17.84
C MET A 109 18.23 -1.57 18.83
N ASN A 110 17.50 -2.17 19.77
CA ASN A 110 18.15 -3.00 20.76
C ASN A 110 18.84 -4.22 20.13
N GLU A 111 18.12 -4.92 19.25
CA GLU A 111 18.67 -6.07 18.48
C GLU A 111 19.90 -5.61 17.67
N LEU A 112 19.82 -4.43 17.09
CA LEU A 112 20.96 -3.94 16.30
C LEU A 112 22.18 -3.71 17.18
N THR A 113 21.95 -3.13 18.36
CA THR A 113 23.05 -2.84 19.26
C THR A 113 23.67 -4.12 19.80
N ARG A 114 22.86 -5.15 20.05
CA ARG A 114 23.41 -6.42 20.53
C ARG A 114 24.28 -7.03 19.45
N LEU A 115 23.95 -6.73 18.19
CA LEU A 115 24.74 -7.27 17.07
C LEU A 115 25.93 -6.39 16.73
N ASN A 116 26.23 -5.42 17.56
CA ASN A 116 27.34 -4.47 17.33
C ASN A 116 27.23 -3.77 15.98
N PHE A 117 26.02 -3.35 15.66
CA PHE A 117 25.74 -2.70 14.41
C PHE A 117 26.36 -1.31 14.40
N PHE A 118 26.33 -0.64 15.55
CA PHE A 118 26.76 0.75 15.64
C PHE A 118 28.23 0.85 15.97
N ASP A 119 28.92 1.71 15.21
CA ASP A 119 30.32 2.02 15.48
C ASP A 119 30.53 3.51 15.22
N ASN A 120 31.77 3.97 15.22
CA ASN A 120 32.04 5.38 14.87
C ASN A 120 31.59 5.81 13.47
N THR A 121 31.40 4.87 12.55
CA THR A 121 30.98 5.19 11.19
C THR A 121 29.45 5.17 11.06
N VAL A 122 28.87 4.04 11.46
CA VAL A 122 27.43 3.86 11.52
C VAL A 122 26.94 4.22 12.94
N THR A 123 26.33 5.38 13.08
CA THR A 123 25.95 5.91 14.37
C THR A 123 24.45 6.06 14.48
N ARG A 124 23.99 6.25 15.72
CA ARG A 124 22.57 6.41 15.96
C ARG A 124 22.08 7.76 15.43
N GLU A 125 23.00 8.61 15.00
CA GLU A 125 22.60 9.88 14.40
C GLU A 125 21.99 9.70 13.03
N LEU A 126 22.06 8.47 12.51
CA LEU A 126 21.43 8.14 11.23
C LEU A 126 19.96 7.79 11.40
N LEU A 127 19.50 7.76 12.65
CA LEU A 127 18.14 7.34 12.95
C LEU A 127 17.23 8.52 13.31
N PHE A 128 16.02 8.51 12.77
CA PHE A 128 15.07 9.59 12.96
C PHE A 128 13.71 9.03 13.32
N HIS A 129 12.92 9.83 14.01
CA HIS A 129 11.62 9.36 14.49
C HIS A 129 10.63 9.14 13.35
N SER A 130 10.83 9.84 12.24
CA SER A 130 9.89 9.76 11.15
C SER A 130 10.50 10.00 9.79
N ILE A 131 9.76 9.65 8.75
CA ILE A 131 10.22 9.92 7.40
C ILE A 131 10.41 11.42 7.28
N HIS A 132 9.50 12.16 7.90
CA HIS A 132 9.57 13.63 7.85
C HIS A 132 10.86 14.20 8.38
N ASP A 133 11.20 13.82 9.60
CA ASP A 133 12.43 14.28 10.21
C ASP A 133 13.66 13.91 9.35
N ALA A 134 13.61 12.71 8.74
CA ALA A 134 14.73 12.23 7.94
C ALA A 134 14.94 13.11 6.72
N VAL A 135 13.88 13.42 6.02
CA VAL A 135 13.93 14.30 4.87
C VAL A 135 14.58 15.66 5.20
N LEU A 136 14.08 16.29 6.26
CA LEU A 136 14.62 17.54 6.74
C LEU A 136 16.10 17.40 6.94
N ALA A 137 16.52 16.35 7.63
CA ALA A 137 17.95 16.15 7.86
C ALA A 137 18.72 15.96 6.55
N CYS A 138 18.25 15.07 5.69
CA CYS A 138 18.95 14.77 4.43
C CYS A 138 19.00 16.03 3.53
N GLN A 139 18.06 16.95 3.71
CA GLN A 139 18.04 18.20 2.94
C GLN A 139 19.09 19.21 3.46
N GLY A 140 19.52 19.06 4.71
CA GLY A 140 20.52 19.93 5.31
C GLY A 140 19.91 21.22 5.84
N GLN B 3 -2.55 -8.90 -0.74
CA GLN B 3 -3.19 -8.44 -1.97
C GLN B 3 -4.65 -8.01 -1.73
N TYR B 4 -5.16 -8.18 -0.52
CA TYR B 4 -6.52 -7.70 -0.20
C TYR B 4 -6.54 -6.71 0.97
N ARG B 5 -7.21 -5.57 0.77
CA ARG B 5 -7.22 -4.46 1.75
C ARG B 5 -8.55 -3.80 1.91
N ILE B 6 -8.75 -3.30 3.12
CA ILE B 6 -9.84 -2.42 3.45
C ILE B 6 -9.26 -1.01 3.47
N LEU B 7 -9.95 -0.07 2.82
CA LEU B 7 -9.44 1.29 2.67
C LEU B 7 -10.14 2.26 3.59
N GLY B 8 -9.43 3.32 3.95
CA GLY B 8 -9.95 4.41 4.73
C GLY B 8 -9.46 5.72 4.12
N GLN B 9 -10.17 6.80 4.46
CA GLN B 9 -9.91 8.12 3.92
C GLN B 9 -8.89 8.88 4.73
N ILE B 10 -7.89 9.43 4.06
CA ILE B 10 -7.03 10.41 4.70
C ILE B 10 -7.84 11.67 4.91
N PRO B 11 -7.92 12.15 6.17
CA PRO B 11 -8.81 13.28 6.43
C PRO B 11 -8.51 14.46 5.53
N ASP B 12 -9.56 15.06 4.99
CA ASP B 12 -9.48 16.27 4.16
C ASP B 12 -8.82 15.99 2.81
N THR B 13 -9.05 14.77 2.32
CA THR B 13 -8.64 14.42 0.95
C THR B 13 -9.60 13.47 0.30
N ASP B 14 -9.22 13.18 -0.93
CA ASP B 14 -9.88 12.23 -1.80
C ASP B 14 -8.99 10.97 -1.88
N ILE B 15 -8.07 10.77 -0.92
CA ILE B 15 -7.10 9.71 -0.99
C ILE B 15 -7.42 8.62 -0.01
N TYR B 16 -7.41 7.37 -0.48
CA TYR B 16 -7.76 6.25 0.37
C TYR B 16 -6.58 5.31 0.51
N CYS B 17 -6.28 4.93 1.76
CA CYS B 17 -5.14 4.08 2.08
C CYS B 17 -5.57 2.95 2.98
N ASP B 18 -4.71 1.95 3.08
CA ASP B 18 -4.92 0.74 3.86
C ASP B 18 -5.12 1.06 5.34
N VAL B 19 -6.18 0.52 5.92
CA VAL B 19 -6.48 0.85 7.32
C VAL B 19 -5.47 0.21 8.25
N GLU B 20 -4.80 -0.84 7.80
CA GLU B 20 -3.88 -1.60 8.66
C GLU B 20 -2.48 -1.03 8.64
N GLU B 21 -2.26 0.02 7.85
CA GLU B 21 -0.93 0.58 7.68
C GLU B 21 -0.89 2.07 7.96
N TYR B 22 -2.05 2.70 8.12
CA TYR B 22 -2.11 4.13 8.36
C TYR B 22 -3.18 4.43 9.41
N GLU B 23 -2.75 4.83 10.60
CA GLU B 23 -3.68 5.10 11.69
C GLU B 23 -4.52 6.33 11.38
N GLU B 24 -3.98 7.18 10.52
CA GLU B 24 -4.56 8.47 10.27
C GLU B 24 -5.86 8.35 9.46
N VAL B 25 -6.05 7.22 8.76
CA VAL B 25 -7.22 7.11 7.88
C VAL B 25 -8.46 6.76 8.69
N LYS B 26 -9.62 7.23 8.21
CA LYS B 26 -10.87 6.91 8.89
C LYS B 26 -11.90 6.32 7.90
N GLU B 27 -12.55 5.26 8.34
CA GLU B 27 -13.59 4.64 7.56
C GLU B 27 -14.89 5.39 7.76
N TYR B 28 -15.90 5.02 6.99
CA TYR B 28 -17.20 5.62 7.12
C TYR B 28 -18.10 4.60 7.81
N PRO B 29 -18.92 5.03 8.80
CA PRO B 29 -19.83 4.10 9.47
C PRO B 29 -20.82 3.41 8.51
N GLY B 30 -20.92 2.08 8.58
CA GLY B 30 -21.88 1.35 7.75
C GLY B 30 -21.37 1.04 6.34
N ILE B 31 -20.11 1.38 6.10
CA ILE B 31 -19.52 1.26 4.76
C ILE B 31 -18.14 0.62 4.86
N LYS B 32 -17.94 -0.44 4.09
CA LYS B 32 -16.62 -1.04 3.98
C LYS B 32 -16.13 -0.88 2.53
N ILE B 33 -14.89 -0.44 2.39
CA ILE B 33 -14.29 -0.22 1.11
C ILE B 33 -13.20 -1.25 0.91
N PHE B 34 -13.40 -2.14 -0.06
CA PHE B 34 -12.52 -3.30 -0.25
C PHE B 34 -11.70 -3.21 -1.53
N GLN B 35 -10.40 -3.45 -1.43
CA GLN B 35 -9.56 -3.34 -2.62
C GLN B 35 -8.82 -4.62 -2.86
N ALA B 36 -8.78 -5.02 -4.12
CA ALA B 36 -8.01 -6.21 -4.48
C ALA B 36 -7.06 -5.82 -5.59
N ASN B 37 -6.68 -6.74 -6.45
CA ASN B 37 -5.60 -6.45 -7.40
C ASN B 37 -5.90 -6.64 -8.91
N THR B 38 -4.83 -6.69 -9.71
CA THR B 38 -4.89 -6.45 -11.16
C THR B 38 -6.03 -7.15 -11.88
N SER B 39 -6.47 -8.29 -11.36
CA SER B 39 -7.45 -9.07 -12.09
C SER B 39 -8.48 -9.72 -11.20
N LEU B 40 -9.63 -10.00 -11.82
CA LEU B 40 -10.61 -10.84 -11.24
C LEU B 40 -10.95 -11.86 -12.32
N TYR B 41 -10.32 -13.03 -12.24
CA TYR B 41 -10.51 -14.08 -13.25
C TYR B 41 -10.48 -15.50 -12.58
N PHE B 42 -10.50 -16.59 -13.38
CA PHE B 42 -10.81 -17.95 -12.83
C PHE B 42 -9.87 -18.33 -11.70
N ALA B 43 -8.64 -17.87 -11.81
CA ALA B 43 -7.64 -18.20 -10.85
C ALA B 43 -7.76 -17.52 -9.48
N ASN B 44 -8.40 -16.36 -9.36
CA ASN B 44 -8.46 -15.69 -8.05
C ASN B 44 -9.81 -15.17 -7.62
N SER B 45 -10.86 -15.61 -8.28
CA SER B 45 -12.19 -15.13 -7.96
C SER B 45 -12.68 -15.71 -6.65
N GLU B 46 -12.30 -16.95 -6.38
CA GLU B 46 -12.72 -17.65 -5.16
C GLU B 46 -12.08 -16.99 -3.94
N SER B 47 -10.81 -16.65 -4.11
CA SER B 47 -10.06 -15.92 -3.13
C SER B 47 -10.67 -14.55 -2.89
N TYR B 48 -11.09 -13.88 -3.98
CA TYR B 48 -11.66 -12.54 -3.89
C TYR B 48 -12.91 -12.53 -3.01
N THR B 49 -13.87 -13.40 -3.31
CA THR B 49 -15.09 -13.43 -2.52
C THR B 49 -14.81 -13.81 -1.08
N SER B 50 -13.95 -14.81 -0.90
CA SER B 50 -13.62 -15.26 0.44
C SER B 50 -13.05 -14.11 1.27
N ALA B 51 -12.09 -13.41 0.68
CA ALA B 51 -11.44 -12.26 1.33
C ALA B 51 -12.38 -11.09 1.55
N LEU B 52 -13.33 -10.91 0.64
CA LEU B 52 -14.34 -9.87 0.76
C LEU B 52 -15.21 -10.15 1.96
N LYS B 53 -15.62 -11.40 2.16
CA LYS B 53 -16.50 -11.69 3.29
C LYS B 53 -15.74 -11.55 4.61
N LYS B 54 -14.52 -12.02 4.64
CA LYS B 54 -13.70 -11.98 5.85
C LYS B 54 -13.27 -10.57 6.27
N LYS B 55 -12.59 -9.83 5.38
CA LYS B 55 -11.99 -8.52 5.76
C LYS B 55 -13.03 -7.47 6.10
N THR B 56 -14.25 -7.60 5.58
CA THR B 56 -15.28 -6.58 5.80
C THR B 56 -16.03 -6.86 7.08
N GLY B 57 -16.03 -8.14 7.45
CA GLY B 57 -16.64 -8.58 8.67
C GLY B 57 -18.13 -8.54 8.51
N VAL B 58 -18.58 -8.64 7.27
CA VAL B 58 -20.01 -8.64 6.96
C VAL B 58 -20.58 -10.06 7.19
N ASP B 59 -20.50 -10.45 8.45
CA ASP B 59 -20.94 -11.76 8.94
C ASP B 59 -22.40 -11.73 9.38
N GLY B 60 -23.17 -10.75 8.89
CA GLY B 60 -24.47 -10.45 9.48
C GLY B 60 -24.36 -10.26 10.99
N SER B 61 -23.22 -9.70 11.42
CA SER B 61 -22.86 -9.55 12.83
C SER B 61 -22.53 -8.09 13.15
N THR B 62 -22.82 -7.20 12.18
CA THR B 62 -22.51 -5.80 12.31
C THR B 62 -23.51 -4.99 11.54
N ASN B 63 -23.43 -3.66 11.66
CA ASN B 63 -24.30 -2.82 10.84
C ASN B 63 -23.59 -2.18 9.63
N VAL B 64 -23.11 -3.07 8.76
CA VAL B 64 -22.58 -2.68 7.49
C VAL B 64 -23.73 -2.74 6.51
N HIS B 65 -24.04 -1.60 5.89
CA HIS B 65 -25.11 -1.52 4.88
C HIS B 65 -24.61 -1.34 3.44
N SER B 66 -23.31 -1.07 3.28
CA SER B 66 -22.75 -0.81 1.94
C SER B 66 -21.34 -1.33 1.79
N LEU B 67 -21.05 -1.97 0.65
CA LEU B 67 -19.69 -2.34 0.24
C LEU B 67 -19.31 -1.52 -0.96
N ILE B 68 -18.12 -0.93 -0.93
CA ILE B 68 -17.56 -0.28 -2.13
C ILE B 68 -16.37 -1.07 -2.62
N LEU B 69 -16.46 -1.49 -3.87
CA LEU B 69 -15.39 -2.28 -4.47
C LEU B 69 -14.53 -1.35 -5.32
N ASP B 70 -13.25 -1.26 -4.94
CA ASP B 70 -12.30 -0.42 -5.64
C ASP B 70 -11.69 -1.15 -6.82
N PHE B 71 -12.18 -0.83 -8.03
CA PHE B 71 -11.74 -1.47 -9.27
C PHE B 71 -10.66 -0.68 -10.02
N ALA B 72 -10.10 0.35 -9.39
CA ALA B 72 -9.03 1.13 -10.01
C ALA B 72 -7.85 0.22 -10.41
N PRO B 73 -7.49 -0.76 -9.56
CA PRO B 73 -6.40 -1.66 -9.92
C PRO B 73 -6.79 -2.73 -10.96
N VAL B 74 -8.07 -2.93 -11.21
CA VAL B 74 -8.48 -3.99 -12.10
C VAL B 74 -8.23 -3.66 -13.60
N ASN B 75 -7.41 -4.47 -14.27
CA ASN B 75 -7.09 -4.36 -15.71
C ASN B 75 -7.82 -5.37 -16.54
N PHE B 76 -8.24 -6.46 -15.90
CA PHE B 76 -8.69 -7.66 -16.61
C PHE B 76 -9.77 -8.42 -15.82
N VAL B 77 -10.83 -8.77 -16.52
CA VAL B 77 -11.89 -9.57 -15.99
C VAL B 77 -12.18 -10.66 -17.02
N ASP B 78 -12.53 -11.88 -16.59
CA ASP B 78 -12.94 -12.96 -17.52
C ASP B 78 -14.34 -13.48 -17.10
N SER B 79 -14.77 -14.56 -17.73
CA SER B 79 -16.12 -15.08 -17.56
C SER B 79 -16.45 -15.51 -16.11
N VAL B 80 -15.50 -16.20 -15.48
CA VAL B 80 -15.63 -16.67 -14.12
C VAL B 80 -15.57 -15.51 -13.13
N GLY B 81 -14.63 -14.59 -13.36
CA GLY B 81 -14.54 -13.39 -12.56
C GLY B 81 -15.86 -12.65 -12.59
N ALA B 82 -16.42 -12.46 -13.78
CA ALA B 82 -17.68 -11.75 -13.95
C ALA B 82 -18.86 -12.41 -13.26
N LYS B 83 -18.98 -13.71 -13.45
CA LYS B 83 -20.04 -14.52 -12.85
C LYS B 83 -20.00 -14.34 -11.34
N THR B 84 -18.80 -14.48 -10.81
CA THR B 84 -18.60 -14.40 -9.39
C THR B 84 -19.02 -13.04 -8.84
N LEU B 85 -18.50 -11.99 -9.46
CA LEU B 85 -18.83 -10.64 -9.05
C LEU B 85 -20.36 -10.41 -9.06
N LYS B 86 -21.02 -10.94 -10.07
CA LYS B 86 -22.45 -10.69 -10.19
C LYS B 86 -23.15 -11.36 -8.99
N SER B 87 -22.68 -12.57 -8.63
CA SER B 87 -23.23 -13.31 -7.49
C SER B 87 -22.98 -12.61 -6.17
N VAL B 88 -21.79 -12.05 -6.04
CA VAL B 88 -21.47 -11.27 -4.86
C VAL B 88 -22.52 -10.21 -4.68
N ILE B 89 -22.84 -9.52 -5.77
CA ILE B 89 -23.72 -8.37 -5.65
C ILE B 89 -25.15 -8.79 -5.26
N LYS B 90 -25.71 -9.78 -5.97
CA LYS B 90 -27.08 -10.21 -5.68
C LYS B 90 -27.18 -10.86 -4.29
N GLU B 91 -26.16 -11.60 -3.90
CA GLU B 91 -26.20 -12.22 -2.60
C GLU B 91 -26.10 -11.17 -1.49
N TYR B 92 -25.20 -10.20 -1.63
CA TYR B 92 -25.10 -9.19 -0.61
C TYR B 92 -26.38 -8.38 -0.57
N ASN B 93 -26.94 -8.11 -1.74
CA ASN B 93 -28.22 -7.38 -1.84
C ASN B 93 -29.33 -8.07 -1.00
N GLU B 94 -29.43 -9.39 -1.15
CA GLU B 94 -30.44 -10.20 -0.47
C GLU B 94 -30.37 -10.05 1.05
N VAL B 95 -29.17 -9.88 1.59
CA VAL B 95 -29.01 -9.74 3.03
C VAL B 95 -28.86 -8.26 3.44
N GLY B 96 -29.32 -7.34 2.59
CA GLY B 96 -29.47 -5.93 2.95
C GLY B 96 -28.27 -5.04 2.71
N VAL B 97 -27.30 -5.52 1.93
CA VAL B 97 -26.09 -4.77 1.64
C VAL B 97 -26.00 -4.31 0.22
N CYS B 98 -25.91 -2.99 0.06
CA CYS B 98 -25.69 -2.40 -1.25
C CYS B 98 -24.23 -2.58 -1.66
N VAL B 99 -24.01 -2.99 -2.91
CA VAL B 99 -22.66 -3.14 -3.45
C VAL B 99 -22.46 -2.17 -4.63
N CYS B 100 -21.53 -1.25 -4.47
CA CYS B 100 -21.22 -0.30 -5.55
C CYS B 100 -19.76 -0.43 -5.94
N ILE B 101 -19.47 -0.02 -7.18
CA ILE B 101 -18.15 -0.17 -7.76
C ILE B 101 -17.54 1.18 -8.14
N ALA B 102 -16.32 1.39 -7.70
CA ALA B 102 -15.57 2.62 -7.97
C ALA B 102 -14.43 2.41 -8.99
N SER B 103 -14.36 3.33 -9.94
CA SER B 103 -13.21 3.42 -10.84
C SER B 103 -13.03 2.16 -11.70
N CYS B 104 -14.12 1.66 -12.24
CA CYS B 104 -14.06 0.59 -13.21
C CYS B 104 -13.74 1.19 -14.61
N SER B 105 -12.55 0.89 -15.13
CA SER B 105 -12.04 1.40 -16.42
C SER B 105 -12.93 1.05 -17.58
N GLY B 106 -12.82 1.84 -18.65
CA GLY B 106 -13.63 1.59 -19.84
C GLY B 106 -13.45 0.18 -20.39
N PRO B 107 -12.20 -0.25 -20.55
CA PRO B 107 -11.99 -1.62 -21.05
C PRO B 107 -12.63 -2.74 -20.17
N VAL B 108 -12.46 -2.68 -18.84
CA VAL B 108 -13.10 -3.67 -17.98
C VAL B 108 -14.60 -3.58 -18.12
N MET B 109 -15.13 -2.36 -18.16
CA MET B 109 -16.57 -2.20 -18.43
C MET B 109 -16.97 -2.87 -19.71
N ASN B 110 -16.14 -2.71 -20.73
CA ASN B 110 -16.42 -3.31 -22.02
C ASN B 110 -16.43 -4.84 -21.93
N GLU B 111 -15.39 -5.40 -21.28
CA GLU B 111 -15.27 -6.84 -21.08
C GLU B 111 -16.52 -7.34 -20.32
N LEU B 112 -16.96 -6.58 -19.31
CA LEU B 112 -18.12 -6.97 -18.54
C LEU B 112 -19.38 -6.96 -19.37
N THR B 113 -19.54 -5.95 -20.20
CA THR B 113 -20.76 -5.84 -21.02
C THR B 113 -20.84 -6.98 -22.01
N ARG B 114 -19.67 -7.38 -22.54
CA ARG B 114 -19.60 -8.49 -23.49
C ARG B 114 -19.98 -9.80 -22.82
N LEU B 115 -19.77 -9.88 -21.51
CA LEU B 115 -20.14 -11.07 -20.73
C LEU B 115 -21.56 -10.98 -20.23
N ASN B 116 -22.28 -9.95 -20.66
CA ASN B 116 -23.66 -9.72 -20.20
C ASN B 116 -23.76 -9.67 -18.68
N PHE B 117 -22.81 -8.99 -18.06
CA PHE B 117 -22.75 -8.78 -16.63
C PHE B 117 -23.93 -7.94 -16.18
N PHE B 118 -24.34 -7.00 -17.02
CA PHE B 118 -25.38 -6.04 -16.65
C PHE B 118 -26.76 -6.51 -17.09
N ASP B 119 -27.71 -6.41 -16.16
CA ASP B 119 -29.05 -6.84 -16.41
C ASP B 119 -30.03 -6.08 -15.57
N ASN B 120 -31.29 -6.48 -15.62
CA ASN B 120 -32.36 -5.76 -14.90
C ASN B 120 -31.99 -5.39 -13.44
N THR B 121 -31.14 -6.22 -12.82
CA THR B 121 -30.74 -6.04 -11.42
C THR B 121 -29.40 -5.34 -11.21
N VAL B 122 -28.36 -5.86 -11.86
CA VAL B 122 -27.05 -5.29 -11.80
C VAL B 122 -26.91 -4.26 -12.91
N THR B 123 -26.97 -2.98 -12.56
CA THR B 123 -27.00 -1.92 -13.54
C THR B 123 -25.75 -1.08 -13.44
N ARG B 124 -25.51 -0.26 -14.45
CA ARG B 124 -24.35 0.61 -14.47
C ARG B 124 -24.48 1.77 -13.46
N GLU B 125 -25.66 1.88 -12.87
CA GLU B 125 -25.86 2.86 -11.79
C GLU B 125 -25.12 2.48 -10.50
N LEU B 126 -24.58 1.28 -10.45
CA LEU B 126 -23.74 0.84 -9.32
C LEU B 126 -22.28 1.27 -9.50
N LEU B 127 -21.96 1.87 -10.66
CA LEU B 127 -20.58 2.23 -10.99
C LEU B 127 -20.30 3.72 -10.84
N PHE B 128 -19.15 4.06 -10.23
CA PHE B 128 -18.85 5.45 -9.90
C PHE B 128 -17.40 5.77 -10.29
N HIS B 129 -17.13 7.04 -10.54
CA HIS B 129 -15.82 7.42 -11.06
C HIS B 129 -14.71 7.31 -10.01
N SER B 130 -15.08 7.41 -8.75
CA SER B 130 -14.09 7.42 -7.68
C SER B 130 -14.63 6.82 -6.41
N ILE B 131 -13.74 6.52 -5.47
CA ILE B 131 -14.25 6.01 -4.21
C ILE B 131 -15.15 7.05 -3.58
N HIS B 132 -14.74 8.30 -3.71
CA HIS B 132 -15.45 9.43 -3.13
C HIS B 132 -16.87 9.48 -3.59
N ASP B 133 -17.08 9.45 -4.90
CA ASP B 133 -18.42 9.46 -5.46
C ASP B 133 -19.23 8.29 -4.94
N ALA B 134 -18.58 7.14 -4.78
CA ALA B 134 -19.29 5.94 -4.33
C ALA B 134 -19.80 6.16 -2.92
N VAL B 135 -18.94 6.64 -2.03
CA VAL B 135 -19.29 6.91 -0.64
C VAL B 135 -20.51 7.81 -0.53
N LEU B 136 -20.49 8.91 -1.27
CA LEU B 136 -21.61 9.85 -1.27
C LEU B 136 -22.92 9.13 -1.61
N ALA B 137 -22.86 8.31 -2.65
CA ALA B 137 -24.01 7.54 -3.11
C ALA B 137 -24.48 6.57 -2.05
N CYS B 138 -23.55 5.83 -1.45
CA CYS B 138 -23.90 4.84 -0.44
C CYS B 138 -24.48 5.50 0.81
N GLN B 139 -24.05 6.73 1.07
CA GLN B 139 -24.52 7.48 2.21
C GLN B 139 -25.93 8.07 2.05
N GLY B 140 -26.37 8.28 0.81
CA GLY B 140 -27.72 8.77 0.54
C GLY B 140 -27.90 10.28 0.62
#